data_4V3C
#
_entry.id   4V3C
#
_cell.length_a   111.750
_cell.length_b   111.750
_cell.length_c   65.190
_cell.angle_alpha   90.00
_cell.angle_beta   90.00
_cell.angle_gamma   120.00
#
_symmetry.space_group_name_H-M   'P 65'
#
loop_
_entity.id
_entity.type
_entity.pdbx_description
1 polymer SIALYLTRANSFERASE
2 non-polymer "CYTIDINE-5'-MONOPHOSPHATE"
3 water water
#
_entity_poly.entity_id   1
_entity_poly.type   'polypeptide(L)'
_entity_poly.pdbx_seq_one_letter_code
;SKTITIYLDHASLPTLNQLMHFTKESEDKETARIFGFSRFKLPEKITEQYNNIHFVEIKNNRPTEDIFTILDQYPEKLEL
DLHLNIAHSIQLFHPILQYRFKHPDRISIKSLNLYDDGTAEYVDLEKEENKDIKSAIKKAEKQLSDYLLTGKINFDNPTL
ARYVWQSQYPVKYHFLSTEYFEKAEFLQPLKTYLAGKYQKMDWSAYEKLSPEQQTFYLKLVGFSDETKQLFHTEQTKFIF
TGTTTWEGNTDIREYYAKQQLNLLKHFTHSEGDLFIGDQYKIYFKGHPRGGDINDYILKHAKDITNIPANISFEILMMTG
LLPDKVGGVASSLYFSLPKEKISHIIFTSNKKIKNKEDALNDPYVRVMLRLGMIDKSQIIFWDSLKQL
;
_entity_poly.pdbx_strand_id   A
#
loop_
_chem_comp.id
_chem_comp.type
_chem_comp.name
_chem_comp.formula
C5P non-polymer CYTIDINE-5'-MONOPHOSPHATE 'C9 H14 N3 O8 P'
#
# COMPACT_ATOMS: atom_id res chain seq x y z
N SER A 1 27.07 -18.79 0.62
CA SER A 1 26.26 -17.81 -0.09
C SER A 1 26.59 -16.32 0.27
N LYS A 2 26.11 -15.44 -0.59
CA LYS A 2 25.68 -14.13 -0.17
C LYS A 2 24.13 -14.15 -0.20
N THR A 3 23.56 -13.44 0.75
CA THR A 3 22.14 -13.08 0.74
C THR A 3 21.97 -11.82 -0.07
N ILE A 4 21.00 -11.85 -0.97
CA ILE A 4 20.56 -10.63 -1.64
C ILE A 4 19.11 -10.37 -1.17
N THR A 5 18.88 -9.21 -0.57
CA THR A 5 17.53 -8.88 -0.12
C THR A 5 16.94 -7.98 -1.20
N ILE A 6 15.87 -8.45 -1.81
CA ILE A 6 15.29 -7.75 -2.96
C ILE A 6 13.90 -7.16 -2.61
N TYR A 7 13.82 -5.84 -2.56
CA TYR A 7 12.59 -5.16 -2.15
C TYR A 7 11.97 -4.59 -3.43
N LEU A 8 10.94 -5.23 -3.96
CA LEU A 8 10.48 -4.89 -5.30
C LEU A 8 9.35 -3.86 -5.39
N ASP A 9 9.16 -3.11 -4.34
CA ASP A 9 8.01 -2.22 -4.30
C ASP A 9 8.42 -0.77 -4.33
N HIS A 10 7.53 0.04 -4.88
CA HIS A 10 7.66 1.47 -4.75
C HIS A 10 6.43 2.15 -4.18
N ALA A 11 5.30 1.45 -4.14
CA ALA A 11 4.05 2.00 -3.67
C ALA A 11 4.08 2.22 -2.16
N SER A 12 3.37 3.25 -1.74
CA SER A 12 3.46 3.75 -0.37
C SER A 12 3.39 2.66 0.71
N LEU A 13 2.38 1.83 0.68
CA LEU A 13 2.14 0.87 1.76
C LEU A 13 3.15 -0.26 1.84
N PRO A 14 3.36 -1.04 0.76
CA PRO A 14 4.37 -2.08 0.94
C PRO A 14 5.77 -1.48 1.19
N THR A 15 6.06 -0.35 0.57
CA THR A 15 7.41 0.25 0.74
C THR A 15 7.61 0.74 2.18
N LEU A 16 6.57 1.28 2.81
CA LEU A 16 6.68 1.68 4.22
C LEU A 16 7.07 0.48 5.11
N ASN A 17 6.46 -0.66 4.82
CA ASN A 17 6.75 -1.88 5.53
C ASN A 17 8.16 -2.39 5.26
N GLN A 18 8.54 -2.39 4.00
CA GLN A 18 9.85 -2.89 3.60
C GLN A 18 10.97 -2.01 4.11
N LEU A 19 10.72 -0.70 4.21
CA LEU A 19 11.70 0.21 4.77
C LEU A 19 11.94 -0.06 6.28
N MET A 20 10.91 -0.55 6.99
CA MET A 20 11.09 -0.98 8.36
C MET A 20 11.90 -2.26 8.50
N HIS A 21 11.67 -3.21 7.62
CA HIS A 21 12.49 -4.38 7.55
C HIS A 21 13.96 -3.99 7.32
N PHE A 22 14.21 -3.11 6.36
CA PHE A 22 15.55 -2.67 6.07
C PHE A 22 16.16 -2.02 7.31
N THR A 23 15.39 -1.15 7.95
CA THR A 23 15.86 -0.43 9.13
C THR A 23 16.34 -1.44 10.21
N LYS A 24 15.63 -2.55 10.39
CA LYS A 24 16.04 -3.52 11.37
C LYS A 24 17.38 -4.19 11.09
N GLU A 25 17.80 -4.21 9.81
CA GLU A 25 19.11 -4.68 9.45
C GLU A 25 20.07 -3.62 8.99
N SER A 26 19.82 -2.36 9.31
CA SER A 26 20.55 -1.28 8.72
C SER A 26 22.03 -1.15 9.19
N GLU A 27 22.41 -1.78 10.31
CA GLU A 27 23.80 -1.69 10.79
C GLU A 27 24.72 -2.52 9.95
N ASP A 28 24.16 -3.51 9.29
CA ASP A 28 24.84 -4.26 8.28
C ASP A 28 24.93 -3.48 6.98
N LYS A 29 26.12 -2.97 6.71
CA LYS A 29 26.41 -2.15 5.56
C LYS A 29 26.83 -2.89 4.34
N GLU A 30 27.09 -4.20 4.47
CA GLU A 30 27.70 -5.01 3.38
C GLU A 30 26.76 -5.86 2.58
N THR A 31 25.74 -6.39 3.25
CA THR A 31 24.75 -7.26 2.62
C THR A 31 24.11 -6.56 1.43
N ALA A 32 23.90 -7.30 0.36
CA ALA A 32 23.39 -6.72 -0.86
C ALA A 32 21.86 -6.47 -0.75
N ARG A 33 21.43 -5.30 -1.22
CA ARG A 33 20.01 -4.91 -1.29
C ARG A 33 19.73 -4.39 -2.68
N ILE A 34 18.56 -4.72 -3.16
CA ILE A 34 18.01 -4.15 -4.36
C ILE A 34 16.68 -3.57 -4.00
N PHE A 35 16.44 -2.31 -4.40
CA PHE A 35 15.20 -1.63 -4.12
C PHE A 35 14.55 -1.27 -5.41
N GLY A 36 13.24 -1.45 -5.48
CA GLY A 36 12.47 -1.17 -6.67
C GLY A 36 11.98 0.24 -6.73
N PHE A 37 12.82 1.20 -6.35
CA PHE A 37 12.40 2.60 -6.44
C PHE A 37 13.62 3.42 -6.76
N SER A 38 13.42 4.69 -7.04
CA SER A 38 14.53 5.56 -7.38
C SER A 38 15.63 5.61 -6.36
N ARG A 39 16.86 5.72 -6.83
CA ARG A 39 17.95 6.00 -5.91
C ARG A 39 17.79 7.35 -5.18
N PHE A 40 16.93 8.21 -5.68
CA PHE A 40 16.79 9.54 -5.11
C PHE A 40 15.68 9.58 -4.11
N LYS A 41 14.95 8.47 -3.94
CA LYS A 41 13.90 8.47 -2.95
C LYS A 41 14.45 8.61 -1.54
N LEU A 42 15.56 7.96 -1.27
CA LEU A 42 16.11 7.97 0.06
C LEU A 42 17.21 9.02 0.13
N PRO A 43 17.51 9.49 1.32
CA PRO A 43 18.63 10.45 1.45
C PRO A 43 19.95 9.85 0.98
N GLU A 44 20.66 10.56 0.12
CA GLU A 44 21.96 10.06 -0.34
C GLU A 44 22.98 9.91 0.78
N LYS A 45 22.91 10.74 1.79
CA LYS A 45 23.76 10.55 2.96
C LYS A 45 23.65 9.15 3.59
N ILE A 46 22.45 8.56 3.56
CA ILE A 46 22.25 7.21 4.10
C ILE A 46 22.65 6.13 3.09
N THR A 47 22.14 6.23 1.88
CA THR A 47 22.35 5.19 0.89
C THR A 47 23.82 5.04 0.54
N GLU A 48 24.59 6.13 0.58
CA GLU A 48 25.98 6.02 0.18
C GLU A 48 26.81 5.25 1.21
N GLN A 49 26.27 5.03 2.38
CA GLN A 49 26.92 4.16 3.36
C GLN A 49 26.93 2.67 3.04
N TYR A 50 26.04 2.24 2.13
CA TYR A 50 25.81 0.84 1.84
C TYR A 50 26.60 0.52 0.61
N ASN A 51 27.49 -0.46 0.75
CA ASN A 51 28.44 -0.76 -0.28
C ASN A 51 27.92 -1.67 -1.35
N ASN A 52 26.78 -2.34 -1.11
CA ASN A 52 26.19 -3.24 -2.14
C ASN A 52 24.67 -3.01 -2.27
N ILE A 53 24.30 -1.81 -2.67
CA ILE A 53 22.91 -1.37 -2.74
C ILE A 53 22.64 -0.96 -4.15
N HIS A 54 21.50 -1.36 -4.68
CA HIS A 54 21.15 -1.07 -6.07
C HIS A 54 19.71 -0.68 -6.15
N PHE A 55 19.32 0.04 -7.22
CA PHE A 55 17.97 0.56 -7.39
C PHE A 55 17.54 0.19 -8.78
N VAL A 56 16.35 -0.40 -8.88
CA VAL A 56 15.86 -0.88 -10.15
C VAL A 56 14.48 -0.33 -10.40
N GLU A 57 14.18 -0.05 -11.64
CA GLU A 57 12.90 0.47 -12.04
C GLU A 57 11.91 -0.69 -12.18
N ILE A 58 10.71 -0.43 -11.71
CA ILE A 58 9.60 -1.33 -11.86
C ILE A 58 8.80 -0.75 -13.01
N LYS A 59 8.53 -1.54 -14.02
CA LYS A 59 7.73 -1.07 -15.13
C LYS A 59 6.78 -2.16 -15.56
N ASN A 60 5.53 -1.78 -15.76
CA ASN A 60 4.46 -2.77 -15.99
C ASN A 60 4.44 -3.90 -14.98
N ASN A 61 4.60 -3.49 -13.73
CA ASN A 61 4.67 -4.41 -12.58
C ASN A 61 5.73 -5.49 -12.65
N ARG A 62 6.86 -5.21 -13.30
CA ARG A 62 7.98 -6.10 -13.28
C ARG A 62 9.24 -5.27 -13.11
N PRO A 63 10.25 -5.79 -12.38
CA PRO A 63 11.54 -5.13 -12.45
C PRO A 63 12.07 -5.23 -13.87
N THR A 64 12.75 -4.17 -14.34
CA THR A 64 13.30 -4.26 -15.67
C THR A 64 14.52 -5.19 -15.72
N GLU A 65 15.05 -5.37 -16.92
CA GLU A 65 16.19 -6.25 -17.14
C GLU A 65 17.45 -5.77 -16.51
N ASP A 66 17.45 -4.55 -16.00
CA ASP A 66 18.51 -4.12 -15.12
C ASP A 66 18.72 -5.05 -13.95
N ILE A 67 17.69 -5.74 -13.52
CA ILE A 67 17.87 -6.62 -12.40
C ILE A 67 18.83 -7.78 -12.76
N PHE A 68 18.86 -8.19 -14.00
CA PHE A 68 19.82 -9.19 -14.44
C PHE A 68 21.27 -8.69 -14.37
N THR A 69 21.49 -7.46 -14.83
N THR A 69 21.50 -7.46 -14.84
CA THR A 69 22.80 -6.88 -14.78
CA THR A 69 22.84 -6.87 -14.80
C THR A 69 23.29 -6.66 -13.34
C THR A 69 23.31 -6.52 -13.37
N ILE A 70 22.38 -6.33 -12.43
CA ILE A 70 22.76 -6.18 -11.04
C ILE A 70 23.18 -7.54 -10.50
N LEU A 71 22.35 -8.53 -10.71
CA LEU A 71 22.65 -9.86 -10.17
C LEU A 71 23.88 -10.47 -10.83
N ASP A 72 24.12 -10.14 -12.10
CA ASP A 72 25.37 -10.54 -12.79
C ASP A 72 26.59 -10.07 -12.06
N GLN A 73 26.45 -9.01 -11.27
CA GLN A 73 27.58 -8.48 -10.52
C GLN A 73 27.92 -9.33 -9.31
N TYR A 74 27.14 -10.38 -9.01
CA TYR A 74 27.38 -11.21 -7.86
C TYR A 74 27.59 -12.65 -8.33
N PRO A 75 28.87 -13.04 -8.57
CA PRO A 75 29.21 -14.38 -9.09
C PRO A 75 29.17 -15.52 -8.08
N GLU A 76 29.05 -15.19 -6.82
CA GLU A 76 28.96 -16.16 -5.73
C GLU A 76 27.67 -16.95 -5.74
N LYS A 77 27.60 -17.95 -4.88
CA LYS A 77 26.34 -18.62 -4.62
C LYS A 77 25.40 -17.63 -3.90
N LEU A 78 24.18 -17.46 -4.39
CA LEU A 78 23.28 -16.45 -3.82
C LEU A 78 21.98 -17.06 -3.30
N GLU A 79 21.51 -16.55 -2.17
CA GLU A 79 20.16 -16.87 -1.70
C GLU A 79 19.32 -15.60 -1.74
N LEU A 80 18.20 -15.62 -2.42
CA LEU A 80 17.38 -14.39 -2.60
C LEU A 80 16.19 -14.35 -1.61
N ASP A 81 16.15 -13.28 -0.83
CA ASP A 81 15.03 -12.99 0.09
C ASP A 81 14.20 -11.92 -0.58
N LEU A 82 13.08 -12.32 -1.14
CA LEU A 82 12.27 -11.39 -1.94
C LEU A 82 11.16 -10.77 -1.11
N HIS A 83 10.94 -9.48 -1.33
CA HIS A 83 9.89 -8.74 -0.68
C HIS A 83 9.08 -8.11 -1.78
N LEU A 84 7.80 -8.45 -1.88
CA LEU A 84 7.00 -8.00 -2.98
C LEU A 84 5.55 -7.88 -2.60
N ASN A 85 4.80 -7.20 -3.42
CA ASN A 85 3.43 -6.99 -3.09
C ASN A 85 2.57 -8.09 -3.62
N ILE A 86 1.49 -8.33 -2.90
CA ILE A 86 0.63 -9.46 -3.16
C ILE A 86 -0.09 -9.34 -4.48
N ALA A 87 -0.74 -8.19 -4.73
CA ALA A 87 -1.56 -8.03 -5.94
C ALA A 87 -0.73 -8.33 -7.20
N HIS A 88 0.52 -7.92 -7.19
CA HIS A 88 1.35 -8.02 -8.39
C HIS A 88 2.47 -9.06 -8.31
N SER A 89 2.41 -9.95 -7.33
CA SER A 89 3.51 -10.85 -7.05
C SER A 89 3.91 -11.74 -8.23
N ILE A 90 2.91 -12.22 -8.95
N ILE A 90 2.93 -12.24 -8.97
CA ILE A 90 3.10 -13.07 -10.11
CA ILE A 90 3.23 -13.12 -10.08
C ILE A 90 3.97 -12.38 -11.17
C ILE A 90 4.01 -12.38 -11.19
N GLN A 91 3.60 -11.17 -11.53
CA GLN A 91 4.33 -10.38 -12.53
C GLN A 91 5.70 -9.97 -12.03
N LEU A 92 5.77 -9.53 -10.77
CA LEU A 92 7.05 -9.07 -10.20
C LEU A 92 8.08 -10.21 -10.19
N PHE A 93 7.59 -11.44 -10.04
CA PHE A 93 8.44 -12.62 -9.90
C PHE A 93 9.04 -13.07 -11.23
N HIS A 94 8.35 -12.75 -12.33
CA HIS A 94 8.65 -13.26 -13.65
C HIS A 94 10.10 -13.10 -14.04
N PRO A 95 10.66 -11.88 -13.89
CA PRO A 95 12.10 -11.78 -14.26
C PRO A 95 13.05 -12.53 -13.37
N ILE A 96 12.69 -12.74 -12.10
CA ILE A 96 13.50 -13.48 -11.20
C ILE A 96 13.53 -14.96 -11.67
N LEU A 97 12.39 -15.47 -12.09
CA LEU A 97 12.25 -16.80 -12.62
C LEU A 97 13.11 -16.90 -13.88
N GLN A 98 12.99 -15.94 -14.79
CA GLN A 98 13.76 -15.96 -16.01
C GLN A 98 15.24 -16.04 -15.73
N TYR A 99 15.73 -15.29 -14.74
CA TYR A 99 17.15 -15.25 -14.43
C TYR A 99 17.57 -16.57 -13.86
N ARG A 100 16.78 -17.12 -12.96
CA ARG A 100 17.07 -18.41 -12.38
C ARG A 100 17.18 -19.56 -13.39
N PHE A 101 16.42 -19.52 -14.47
CA PHE A 101 16.67 -20.49 -15.57
C PHE A 101 18.11 -20.48 -16.01
N LYS A 102 18.76 -19.31 -16.01
CA LYS A 102 20.16 -19.21 -16.43
C LYS A 102 21.17 -19.60 -15.39
N HIS A 103 20.75 -19.63 -14.13
CA HIS A 103 21.66 -19.87 -13.01
C HIS A 103 20.96 -20.72 -11.96
N PRO A 104 20.48 -21.88 -12.38
CA PRO A 104 19.55 -22.58 -11.50
C PRO A 104 20.18 -23.15 -10.23
N ASP A 105 21.47 -23.49 -10.29
CA ASP A 105 22.12 -24.10 -9.16
C ASP A 105 22.68 -23.03 -8.25
N ARG A 106 23.19 -21.97 -8.85
CA ARG A 106 23.87 -20.92 -8.08
C ARG A 106 22.93 -19.95 -7.30
N ILE A 107 21.71 -19.78 -7.81
CA ILE A 107 20.75 -18.79 -7.34
C ILE A 107 19.56 -19.57 -6.78
N SER A 108 19.27 -19.42 -5.49
CA SER A 108 18.07 -20.02 -4.95
C SER A 108 17.19 -18.93 -4.31
N ILE A 109 15.89 -19.22 -4.23
CA ILE A 109 14.90 -18.34 -3.57
C ILE A 109 14.77 -18.80 -2.15
N LYS A 110 15.31 -18.04 -1.23
CA LYS A 110 15.30 -18.40 0.15
C LYS A 110 13.94 -18.18 0.82
N SER A 111 13.30 -17.05 0.52
CA SER A 111 12.04 -16.71 1.22
C SER A 111 11.32 -15.63 0.46
N LEU A 112 10.03 -15.59 0.66
CA LEU A 112 9.20 -14.47 0.18
C LEU A 112 8.49 -13.82 1.38
N ASN A 113 8.50 -12.50 1.37
CA ASN A 113 7.68 -11.72 2.29
C ASN A 113 6.79 -10.94 1.36
N LEU A 114 5.50 -11.18 1.50
CA LEU A 114 4.48 -10.65 0.61
C LEU A 114 3.61 -9.62 1.36
N TYR A 115 3.42 -8.44 0.79
CA TYR A 115 2.70 -7.36 1.47
C TYR A 115 1.55 -6.82 0.60
N ASP A 116 0.43 -6.49 1.21
CA ASP A 116 -0.64 -5.81 0.47
C ASP A 116 -0.07 -4.51 -0.14
N ASP A 117 -0.39 -4.38 -1.41
CA ASP A 117 -0.21 -3.17 -2.19
C ASP A 117 -1.08 -2.01 -1.64
N GLY A 118 -2.20 -2.36 -1.04
CA GLY A 118 -3.23 -1.45 -0.75
C GLY A 118 -4.56 -2.18 -0.69
N THR A 119 -5.59 -1.52 -1.16
CA THR A 119 -6.94 -2.06 -1.04
C THR A 119 -7.26 -2.91 -2.27
N ALA A 120 -6.42 -2.86 -3.31
CA ALA A 120 -6.70 -3.59 -4.53
C ALA A 120 -6.95 -5.07 -4.23
N GLU A 121 -6.17 -5.62 -3.32
CA GLU A 121 -6.25 -7.04 -3.01
C GLU A 121 -7.64 -7.39 -2.47
N TYR A 122 -8.19 -6.49 -1.69
CA TYR A 122 -9.48 -6.67 -1.02
C TYR A 122 -10.63 -6.51 -1.99
N VAL A 123 -10.58 -5.47 -2.81
CA VAL A 123 -11.58 -5.25 -3.82
C VAL A 123 -11.56 -6.39 -4.85
N ASP A 124 -10.39 -6.99 -5.10
CA ASP A 124 -10.31 -8.14 -6.01
C ASP A 124 -10.91 -9.38 -5.32
N LEU A 125 -10.63 -9.57 -4.03
CA LEU A 125 -11.20 -10.70 -3.32
C LEU A 125 -12.72 -10.64 -3.26
N GLU A 126 -13.27 -9.44 -3.15
CA GLU A 126 -14.71 -9.26 -3.12
C GLU A 126 -15.39 -9.86 -4.31
N LYS A 127 -14.73 -9.88 -5.45
CA LYS A 127 -15.32 -10.42 -6.66
C LYS A 127 -15.27 -11.95 -6.69
N GLU A 128 -14.68 -12.62 -5.69
CA GLU A 128 -14.56 -14.07 -5.72
C GLU A 128 -15.55 -14.75 -4.72
N GLU A 129 -16.52 -14.01 -4.21
CA GLU A 129 -17.29 -14.48 -3.09
C GLU A 129 -18.10 -15.71 -3.49
N ASN A 130 -18.53 -15.79 -4.73
CA ASN A 130 -19.36 -16.97 -5.12
C ASN A 130 -18.58 -18.12 -5.79
N LYS A 131 -17.24 -18.08 -5.69
CA LYS A 131 -16.42 -19.12 -6.30
C LYS A 131 -16.10 -20.21 -5.34
N ASP A 132 -15.74 -21.36 -5.88
CA ASP A 132 -15.33 -22.50 -5.06
C ASP A 132 -13.86 -22.30 -4.71
N ILE A 133 -13.62 -21.86 -3.48
CA ILE A 133 -12.29 -21.34 -3.06
C ILE A 133 -11.37 -22.52 -2.78
N LYS A 134 -11.91 -23.55 -2.15
CA LYS A 134 -11.15 -24.76 -1.93
C LYS A 134 -10.51 -25.25 -3.23
N SER A 135 -11.26 -25.36 -4.31
CA SER A 135 -10.72 -25.94 -5.53
C SER A 135 -9.91 -24.92 -6.30
N ALA A 136 -10.20 -23.64 -6.12
CA ALA A 136 -9.38 -22.59 -6.71
C ALA A 136 -7.94 -22.64 -6.16
N ILE A 137 -7.79 -22.87 -4.87
CA ILE A 137 -6.48 -22.99 -4.26
C ILE A 137 -5.70 -24.16 -4.91
N LYS A 138 -6.34 -25.31 -5.02
CA LYS A 138 -5.75 -26.48 -5.69
C LYS A 138 -5.32 -26.21 -7.12
N LYS A 139 -6.22 -25.69 -7.94
CA LYS A 139 -5.92 -25.38 -9.31
C LYS A 139 -4.71 -24.41 -9.37
N ALA A 140 -4.71 -23.40 -8.49
CA ALA A 140 -3.65 -22.40 -8.51
C ALA A 140 -2.32 -22.97 -8.11
N GLU A 141 -2.29 -23.87 -7.14
CA GLU A 141 -1.08 -24.56 -6.77
C GLU A 141 -0.47 -25.29 -7.99
N LYS A 142 -1.30 -26.02 -8.74
CA LYS A 142 -0.83 -26.72 -9.93
C LYS A 142 -0.34 -25.72 -10.97
N GLN A 143 -1.06 -24.62 -11.09
CA GLN A 143 -0.69 -23.65 -12.09
C GLN A 143 0.55 -22.81 -11.69
N LEU A 144 0.81 -22.65 -10.39
CA LEU A 144 2.05 -22.06 -9.93
C LEU A 144 3.24 -23.01 -10.25
N SER A 145 3.02 -24.31 -10.07
CA SER A 145 4.04 -25.32 -10.40
C SER A 145 4.46 -25.20 -11.83
N ASP A 146 3.50 -25.12 -12.71
CA ASP A 146 3.76 -24.93 -14.14
C ASP A 146 4.46 -23.62 -14.49
N TYR A 147 4.12 -22.56 -13.75
CA TYR A 147 4.74 -21.27 -13.96
C TYR A 147 6.22 -21.36 -13.57
N LEU A 148 6.54 -22.02 -12.49
CA LEU A 148 7.92 -22.13 -12.09
C LEU A 148 8.77 -22.96 -13.10
N LEU A 149 8.15 -23.99 -13.66
CA LEU A 149 8.77 -24.85 -14.70
C LEU A 149 8.94 -24.12 -16.03
N THR A 150 7.88 -23.48 -16.52
CA THR A 150 7.84 -22.92 -17.86
C THR A 150 8.12 -21.42 -17.96
N GLY A 151 7.92 -20.69 -16.87
CA GLY A 151 8.09 -19.25 -16.91
C GLY A 151 6.89 -18.57 -17.52
N LYS A 152 5.86 -19.31 -17.89
CA LYS A 152 4.73 -18.66 -18.54
C LYS A 152 3.55 -18.51 -17.57
N ILE A 153 2.95 -17.33 -17.63
CA ILE A 153 1.93 -16.91 -16.68
C ILE A 153 0.58 -17.40 -17.18
N ASN A 154 0.01 -18.36 -16.48
CA ASN A 154 -1.31 -18.81 -16.86
C ASN A 154 -2.07 -19.28 -15.64
N PHE A 155 -3.02 -18.46 -15.19
CA PHE A 155 -3.81 -18.78 -13.99
C PHE A 155 -5.28 -18.59 -14.28
N ASP A 156 -6.06 -19.62 -13.99
CA ASP A 156 -7.51 -19.52 -14.14
C ASP A 156 -8.06 -18.47 -13.19
N ASN A 157 -7.46 -18.34 -12.01
CA ASN A 157 -7.94 -17.43 -10.96
C ASN A 157 -6.79 -16.58 -10.47
N PRO A 158 -6.45 -15.55 -11.24
CA PRO A 158 -5.30 -14.76 -10.87
C PRO A 158 -5.37 -14.16 -9.46
N THR A 159 -6.59 -13.92 -8.95
CA THR A 159 -6.73 -13.35 -7.60
C THR A 159 -6.34 -14.36 -6.54
N LEU A 160 -6.89 -15.58 -6.61
CA LEU A 160 -6.54 -16.60 -5.63
C LEU A 160 -5.11 -17.11 -5.74
N ALA A 161 -4.59 -17.11 -6.95
CA ALA A 161 -3.22 -17.53 -7.20
C ALA A 161 -2.18 -16.67 -6.49
N ARG A 162 -2.58 -15.48 -6.03
CA ARG A 162 -1.69 -14.61 -5.25
C ARG A 162 -1.33 -15.21 -3.91
N TYR A 163 -2.15 -16.15 -3.46
CA TYR A 163 -2.06 -16.69 -2.12
C TYR A 163 -1.56 -18.13 -1.97
N VAL A 164 -0.99 -18.68 -3.03
CA VAL A 164 -0.49 -20.07 -3.01
C VAL A 164 1.02 -20.27 -3.00
N TRP A 165 1.78 -19.19 -2.77
CA TRP A 165 3.21 -19.25 -2.79
C TRP A 165 3.82 -20.26 -1.83
N GLN A 166 3.12 -20.54 -0.73
CA GLN A 166 3.65 -21.46 0.29
C GLN A 166 3.82 -22.86 -0.25
N SER A 167 3.13 -23.17 -1.35
CA SER A 167 3.26 -24.48 -1.98
C SER A 167 4.63 -24.65 -2.66
N GLN A 168 5.42 -23.59 -2.73
CA GLN A 168 6.71 -23.63 -3.39
C GLN A 168 7.84 -23.05 -2.56
N TYR A 169 7.56 -22.04 -1.75
CA TYR A 169 8.56 -21.35 -0.97
C TYR A 169 8.16 -21.08 0.45
N PRO A 170 9.16 -20.93 1.31
CA PRO A 170 8.89 -20.32 2.56
C PRO A 170 8.31 -18.88 2.37
N VAL A 171 7.19 -18.58 3.00
CA VAL A 171 6.47 -17.34 2.78
C VAL A 171 5.91 -16.75 4.07
N LYS A 172 5.85 -15.42 4.17
CA LYS A 172 5.09 -14.73 5.20
C LYS A 172 4.29 -13.63 4.51
N TYR A 173 3.01 -13.52 4.84
CA TYR A 173 2.11 -12.51 4.27
C TYR A 173 1.92 -11.44 5.33
N HIS A 174 1.82 -10.18 4.88
CA HIS A 174 1.60 -9.07 5.73
C HIS A 174 0.36 -8.40 5.19
N PHE A 175 -0.73 -8.48 5.94
CA PHE A 175 -2.02 -8.04 5.47
C PHE A 175 -2.44 -6.72 6.08
N LEU A 176 -2.98 -5.85 5.24
CA LEU A 176 -3.63 -4.64 5.66
C LEU A 176 -4.78 -4.95 6.60
N SER A 177 -5.51 -6.03 6.34
CA SER A 177 -6.65 -6.35 7.14
C SER A 177 -6.67 -7.83 7.38
N THR A 178 -6.20 -8.25 8.56
CA THR A 178 -6.40 -9.64 8.95
C THR A 178 -7.88 -9.92 9.24
N GLU A 179 -8.58 -8.91 9.72
CA GLU A 179 -10.01 -9.02 10.03
C GLU A 179 -10.83 -9.46 8.85
N TYR A 180 -10.47 -8.97 7.66
CA TYR A 180 -11.17 -9.34 6.44
C TYR A 180 -11.15 -10.84 6.23
N PHE A 181 -10.03 -11.46 6.52
CA PHE A 181 -9.92 -12.88 6.36
C PHE A 181 -10.72 -13.62 7.42
N GLU A 182 -10.92 -12.98 8.58
CA GLU A 182 -11.76 -13.60 9.64
C GLU A 182 -13.23 -13.44 9.37
N LYS A 183 -13.65 -12.25 8.94
CA LYS A 183 -15.05 -11.91 8.73
C LYS A 183 -15.65 -12.38 7.40
N ALA A 184 -14.85 -12.54 6.35
CA ALA A 184 -15.38 -13.02 5.08
C ALA A 184 -15.55 -14.56 5.13
N GLU A 185 -16.79 -15.01 5.37
CA GLU A 185 -17.06 -16.44 5.47
C GLU A 185 -16.64 -17.22 4.22
N PHE A 186 -16.82 -16.66 3.04
CA PHE A 186 -16.37 -17.34 1.86
C PHE A 186 -14.87 -17.68 1.79
N LEU A 187 -14.08 -17.01 2.59
CA LEU A 187 -12.62 -17.18 2.58
C LEU A 187 -12.14 -18.11 3.66
N GLN A 188 -13.05 -18.75 4.40
CA GLN A 188 -12.59 -19.67 5.46
C GLN A 188 -11.62 -20.74 4.94
N PRO A 189 -11.86 -21.32 3.76
CA PRO A 189 -10.86 -22.28 3.27
C PRO A 189 -9.48 -21.64 3.02
N LEU A 190 -9.43 -20.38 2.64
CA LEU A 190 -8.14 -19.69 2.46
C LEU A 190 -7.50 -19.37 3.79
N LYS A 191 -8.33 -18.96 4.77
CA LYS A 191 -7.89 -18.60 6.09
C LYS A 191 -7.22 -19.83 6.71
N THR A 192 -7.89 -20.96 6.59
CA THR A 192 -7.35 -22.26 7.02
C THR A 192 -6.05 -22.62 6.28
N TYR A 193 -6.02 -22.46 4.97
CA TYR A 193 -4.87 -22.82 4.15
C TYR A 193 -3.67 -21.99 4.60
N LEU A 194 -3.93 -20.73 4.92
CA LEU A 194 -2.87 -19.76 5.28
C LEU A 194 -2.53 -19.73 6.79
N ALA A 195 -3.10 -20.64 7.58
CA ALA A 195 -2.97 -20.51 9.03
C ALA A 195 -1.49 -20.50 9.37
N GLY A 196 -1.10 -19.55 10.22
CA GLY A 196 0.25 -19.39 10.71
C GLY A 196 1.23 -18.74 9.75
N LYS A 197 0.77 -18.35 8.55
CA LYS A 197 1.64 -17.77 7.53
C LYS A 197 1.45 -16.31 7.32
N TYR A 198 0.62 -15.67 8.14
CA TYR A 198 0.34 -14.26 7.97
C TYR A 198 0.30 -13.50 9.26
N GLN A 199 0.62 -12.22 9.14
CA GLN A 199 0.44 -11.27 10.22
C GLN A 199 -0.16 -9.99 9.69
N LYS A 200 -0.74 -9.21 10.58
CA LYS A 200 -1.22 -7.87 10.24
C LYS A 200 -0.08 -6.91 10.00
N MET A 201 -0.29 -5.98 9.09
CA MET A 201 0.62 -4.85 8.94
C MET A 201 0.25 -3.98 10.12
N ASP A 202 1.06 -4.11 11.15
CA ASP A 202 0.72 -3.66 12.48
C ASP A 202 1.19 -2.25 12.83
N TRP A 203 2.43 -1.91 12.48
CA TRP A 203 2.94 -0.58 12.80
C TRP A 203 3.20 -0.30 14.30
N SER A 204 3.04 -1.31 15.16
CA SER A 204 3.65 -1.24 16.48
C SER A 204 5.05 -1.80 16.37
N ALA A 205 5.31 -2.58 15.30
CA ALA A 205 6.65 -3.07 14.97
C ALA A 205 7.72 -1.96 14.84
N TYR A 206 7.24 -0.72 14.82
CA TYR A 206 8.02 0.48 15.04
C TYR A 206 8.47 0.75 16.49
N GLU A 207 7.85 0.07 17.45
CA GLU A 207 8.21 0.19 18.88
C GLU A 207 9.21 -0.88 19.22
N LYS A 208 9.06 -2.07 18.65
CA LYS A 208 10.15 -3.06 18.64
C LYS A 208 11.49 -2.43 18.25
N LEU A 209 11.48 -1.44 17.36
CA LEU A 209 12.70 -0.75 16.93
C LEU A 209 13.39 0.02 18.06
N SER A 210 14.72 -0.07 18.07
CA SER A 210 15.53 0.74 18.97
C SER A 210 15.36 2.22 18.70
N PRO A 211 15.81 3.06 19.65
CA PRO A 211 15.61 4.48 19.45
C PRO A 211 16.34 5.02 18.26
N GLU A 212 17.57 4.56 18.07
CA GLU A 212 18.37 5.02 16.93
C GLU A 212 17.79 4.47 15.63
N GLN A 213 17.18 3.30 15.69
CA GLN A 213 16.58 2.68 14.50
C GLN A 213 15.35 3.52 14.08
N GLN A 214 14.61 3.97 15.07
CA GLN A 214 13.45 4.82 14.83
C GLN A 214 13.83 6.11 14.15
N THR A 215 14.92 6.72 14.58
CA THR A 215 15.42 7.95 13.93
C THR A 215 15.81 7.76 12.47
N PHE A 216 16.45 6.64 12.21
CA PHE A 216 16.91 6.28 10.89
C PHE A 216 15.69 6.14 9.97
N TYR A 217 14.72 5.43 10.48
CA TYR A 217 13.50 5.10 9.72
C TYR A 217 12.80 6.40 9.30
N LEU A 218 12.70 7.37 10.20
CA LEU A 218 12.03 8.63 9.88
C LEU A 218 12.76 9.36 8.80
N LYS A 219 14.08 9.30 8.83
CA LYS A 219 14.87 9.83 7.73
C LYS A 219 14.58 9.15 6.40
N LEU A 220 14.49 7.83 6.41
CA LEU A 220 14.14 7.11 5.17
C LEU A 220 12.81 7.53 4.59
N VAL A 221 11.80 7.72 5.45
CA VAL A 221 10.42 8.00 5.00
C VAL A 221 10.13 9.49 4.93
N GLY A 222 11.15 10.33 5.20
CA GLY A 222 11.04 11.75 4.95
C GLY A 222 10.27 12.51 6.03
N PHE A 223 10.24 11.98 7.23
CA PHE A 223 9.56 12.61 8.36
C PHE A 223 10.64 13.37 9.14
N SER A 224 10.48 14.69 9.28
CA SER A 224 11.45 15.55 9.97
C SER A 224 10.85 16.27 11.20
N ASP A 225 11.69 17.04 11.88
CA ASP A 225 11.19 17.86 12.98
C ASP A 225 10.13 18.85 12.53
N GLU A 226 10.30 19.41 11.34
CA GLU A 226 9.38 20.40 10.81
C GLU A 226 7.97 19.81 10.65
N THR A 227 7.91 18.56 10.18
CA THR A 227 6.65 17.83 10.11
C THR A 227 6.05 17.68 11.49
N LYS A 228 6.87 17.25 12.44
CA LYS A 228 6.42 17.10 13.78
C LYS A 228 5.87 18.41 14.35
N GLN A 229 6.47 19.54 13.99
CA GLN A 229 6.02 20.84 14.55
C GLN A 229 4.70 21.29 13.97
N LEU A 230 4.28 20.71 12.84
CA LEU A 230 2.95 21.02 12.28
C LEU A 230 1.87 20.66 13.28
N PHE A 231 2.17 19.76 14.21
CA PHE A 231 1.22 19.25 15.20
C PHE A 231 1.42 19.80 16.61
N HIS A 232 2.25 20.83 16.72
CA HIS A 232 2.57 21.40 18.03
C HIS A 232 1.31 21.96 18.76
N THR A 233 0.48 22.72 18.08
CA THR A 233 -0.76 23.24 18.72
C THR A 233 -1.60 22.21 19.48
N GLU A 234 -2.24 22.68 20.55
CA GLU A 234 -3.06 21.81 21.38
C GLU A 234 -4.46 21.64 20.76
N GLN A 235 -4.79 22.56 19.84
CA GLN A 235 -6.11 22.60 19.19
C GLN A 235 -6.45 21.27 18.54
N THR A 236 -7.71 20.82 18.63
CA THR A 236 -8.06 19.54 18.03
C THR A 236 -7.93 19.64 16.54
N LYS A 237 -7.68 18.50 15.89
CA LYS A 237 -7.21 18.48 14.51
C LYS A 237 -8.04 17.57 13.63
N PHE A 238 -8.29 18.07 12.43
CA PHE A 238 -8.99 17.32 11.36
C PHE A 238 -8.00 17.24 10.20
N ILE A 239 -7.69 16.04 9.72
CA ILE A 239 -6.91 15.92 8.49
C ILE A 239 -7.83 15.53 7.34
N PHE A 240 -7.83 16.34 6.30
CA PHE A 240 -8.48 15.99 5.06
C PHE A 240 -7.53 15.15 4.21
N THR A 241 -7.90 13.93 3.88
CA THR A 241 -6.99 13.10 3.08
C THR A 241 -7.37 13.12 1.58
N GLY A 242 -6.40 13.29 0.70
CA GLY A 242 -6.70 13.27 -0.72
C GLY A 242 -6.55 11.92 -1.36
N THR A 243 -6.91 11.87 -2.64
CA THR A 243 -6.79 10.67 -3.41
C THR A 243 -6.13 10.95 -4.75
N THR A 244 -6.07 9.93 -5.60
CA THR A 244 -5.54 10.11 -6.93
C THR A 244 -6.21 9.18 -7.93
N THR A 245 -5.75 9.30 -9.18
CA THR A 245 -6.18 8.49 -10.33
C THR A 245 -4.95 8.05 -11.17
N TRP A 246 -4.95 6.79 -11.63
CA TRP A 246 -3.95 6.31 -12.60
C TRP A 246 -4.48 6.68 -13.97
N GLU A 247 -4.34 7.95 -14.32
CA GLU A 247 -4.99 8.44 -15.50
C GLU A 247 -4.40 9.79 -15.90
N GLY A 248 -3.64 9.75 -16.99
CA GLY A 248 -3.03 10.95 -17.55
C GLY A 248 -4.02 11.89 -18.20
N ASN A 249 -5.18 11.38 -18.61
CA ASN A 249 -6.17 12.22 -19.28
C ASN A 249 -6.49 13.50 -18.48
N THR A 250 -6.32 14.66 -19.09
CA THR A 250 -6.42 15.94 -18.36
C THR A 250 -7.80 16.19 -17.81
N ASP A 251 -8.81 15.80 -18.57
CA ASP A 251 -10.19 15.97 -18.11
C ASP A 251 -10.47 15.11 -16.89
N ILE A 252 -9.94 13.89 -16.84
CA ILE A 252 -10.15 13.05 -15.68
C ILE A 252 -9.38 13.65 -14.49
N ARG A 253 -8.14 14.09 -14.70
CA ARG A 253 -7.36 14.65 -13.59
C ARG A 253 -7.93 15.96 -13.06
N GLU A 254 -8.46 16.81 -13.94
CA GLU A 254 -8.99 18.09 -13.46
C GLU A 254 -10.31 17.83 -12.75
N TYR A 255 -11.00 16.78 -13.18
CA TYR A 255 -12.24 16.34 -12.54
C TYR A 255 -11.97 15.95 -11.08
N TYR A 256 -10.99 15.08 -10.92
CA TYR A 256 -10.54 14.67 -9.59
C TYR A 256 -10.21 15.86 -8.72
N ALA A 257 -9.39 16.76 -9.25
CA ALA A 257 -8.94 17.92 -8.50
C ALA A 257 -10.09 18.79 -7.99
N LYS A 258 -11.03 19.10 -8.87
CA LYS A 258 -12.19 19.95 -8.53
C LYS A 258 -13.20 19.27 -7.60
N GLN A 259 -13.45 17.99 -7.84
CA GLN A 259 -14.28 17.19 -6.92
C GLN A 259 -13.66 17.19 -5.51
N GLN A 260 -12.33 17.03 -5.45
CA GLN A 260 -11.65 16.92 -4.16
C GLN A 260 -11.71 18.21 -3.38
N LEU A 261 -11.48 19.33 -4.07
CA LEU A 261 -11.56 20.65 -3.42
C LEU A 261 -12.96 20.86 -2.91
N ASN A 262 -13.91 20.50 -3.73
CA ASN A 262 -15.28 20.64 -3.31
C ASN A 262 -15.58 19.77 -2.08
N LEU A 263 -15.03 18.56 -2.07
CA LEU A 263 -15.27 17.70 -0.92
C LEU A 263 -14.73 18.33 0.34
N LEU A 264 -13.53 18.90 0.23
CA LEU A 264 -12.90 19.53 1.36
C LEU A 264 -13.81 20.62 1.93
N LYS A 265 -14.43 21.41 1.05
CA LYS A 265 -15.37 22.45 1.48
C LYS A 265 -16.59 21.90 2.23
N HIS A 266 -17.09 20.75 1.81
CA HIS A 266 -18.19 20.15 2.52
C HIS A 266 -17.83 19.74 3.96
N PHE A 267 -16.54 19.47 4.22
CA PHE A 267 -16.06 19.20 5.60
C PHE A 267 -15.80 20.47 6.40
N THR A 268 -15.27 21.49 5.72
CA THR A 268 -14.72 22.67 6.45
C THR A 268 -15.67 23.88 6.55
N HIS A 269 -16.59 24.03 5.60
CA HIS A 269 -17.59 25.10 5.62
C HIS A 269 -18.81 24.73 6.42
N SER A 270 -19.29 25.66 7.24
CA SER A 270 -20.60 25.49 7.90
C SER A 270 -21.73 25.21 6.91
N GLU A 271 -21.67 25.68 5.65
CA GLU A 271 -22.71 25.26 4.67
C GLU A 271 -22.56 23.81 4.19
N GLY A 272 -21.40 23.16 4.44
CA GLY A 272 -21.16 21.82 3.90
C GLY A 272 -22.03 20.74 4.53
N ASP A 273 -22.31 19.73 3.72
CA ASP A 273 -23.02 18.52 4.11
C ASP A 273 -22.30 17.68 5.17
N LEU A 274 -20.98 17.90 5.33
CA LEU A 274 -20.18 17.07 6.25
C LEU A 274 -19.46 17.94 7.26
N PHE A 275 -20.03 19.11 7.54
CA PHE A 275 -19.33 20.12 8.31
C PHE A 275 -18.88 19.56 9.63
N ILE A 276 -17.61 19.73 9.94
CA ILE A 276 -17.08 19.05 11.16
C ILE A 276 -17.16 19.87 12.42
N GLY A 277 -17.40 21.16 12.27
CA GLY A 277 -17.44 22.08 13.41
C GLY A 277 -16.22 22.99 13.49
N ASP A 278 -16.42 24.16 14.11
CA ASP A 278 -15.38 25.22 14.16
C ASP A 278 -14.18 24.91 15.07
N GLN A 279 -14.32 23.95 15.99
CA GLN A 279 -13.26 23.59 16.95
C GLN A 279 -11.94 23.11 16.35
N TYR A 280 -12.04 22.48 15.18
CA TYR A 280 -10.92 21.81 14.50
C TYR A 280 -10.04 22.72 13.69
N LYS A 281 -8.74 22.61 13.90
CA LYS A 281 -7.79 23.07 12.93
C LYS A 281 -7.69 22.07 11.78
N ILE A 282 -7.57 22.59 10.56
CA ILE A 282 -7.63 21.78 9.36
C ILE A 282 -6.26 21.54 8.76
N TYR A 283 -6.00 20.28 8.39
CA TYR A 283 -4.76 19.90 7.70
C TYR A 283 -5.12 19.17 6.38
N PHE A 284 -4.20 19.21 5.45
CA PHE A 284 -4.26 18.43 4.22
C PHE A 284 -3.16 17.34 4.17
N LYS A 285 -3.56 16.11 3.87
CA LYS A 285 -2.62 15.03 3.62
C LYS A 285 -2.91 14.51 2.23
N GLY A 286 -2.19 15.07 1.27
CA GLY A 286 -2.35 14.65 -0.13
C GLY A 286 -1.89 13.21 -0.42
N HIS A 287 -2.50 12.61 -1.43
CA HIS A 287 -2.08 11.26 -1.84
C HIS A 287 -0.64 11.41 -2.36
N PRO A 288 0.27 10.52 -1.98
CA PRO A 288 1.68 10.54 -2.48
C PRO A 288 1.84 10.59 -4.02
N ARG A 289 0.98 9.90 -4.76
CA ARG A 289 0.92 9.93 -6.22
C ARG A 289 -0.10 10.90 -6.77
N GLY A 290 -0.54 11.85 -5.94
CA GLY A 290 -1.60 12.79 -6.30
C GLY A 290 -1.18 13.87 -7.29
N GLY A 291 0.10 14.23 -7.31
CA GLY A 291 0.61 15.21 -8.27
C GLY A 291 -0.16 16.51 -8.30
N ASP A 292 -0.66 16.86 -9.48
CA ASP A 292 -1.28 18.18 -9.70
C ASP A 292 -2.60 18.28 -8.98
N ILE A 293 -3.19 17.14 -8.63
CA ILE A 293 -4.38 17.16 -7.80
C ILE A 293 -4.02 17.74 -6.43
N ASN A 294 -2.84 17.44 -5.90
CA ASN A 294 -2.44 18.05 -4.65
C ASN A 294 -2.20 19.55 -4.76
N ASP A 295 -1.55 19.98 -5.85
CA ASP A 295 -1.25 21.40 -6.08
C ASP A 295 -2.55 22.22 -6.12
N TYR A 296 -3.53 21.69 -6.84
CA TYR A 296 -4.83 22.33 -6.92
C TYR A 296 -5.42 22.63 -5.53
N ILE A 297 -5.37 21.66 -4.63
CA ILE A 297 -5.86 21.90 -3.29
C ILE A 297 -5.03 23.00 -2.58
N LEU A 298 -3.71 22.91 -2.69
CA LEU A 298 -2.82 23.87 -2.03
C LEU A 298 -2.97 25.26 -2.64
N LYS A 299 -3.17 25.33 -3.96
CA LYS A 299 -3.48 26.62 -4.64
C LYS A 299 -4.72 27.30 -4.06
N HIS A 300 -5.81 26.56 -3.95
CA HIS A 300 -7.11 27.18 -3.71
C HIS A 300 -7.62 27.12 -2.28
N ALA A 301 -7.01 26.30 -1.43
CA ALA A 301 -7.60 26.07 -0.10
C ALA A 301 -7.17 27.11 0.89
N LYS A 302 -8.14 27.61 1.63
CA LYS A 302 -7.90 28.66 2.60
C LYS A 302 -7.63 27.97 3.93
N ASP A 303 -6.73 28.52 4.74
CA ASP A 303 -6.77 28.21 6.15
C ASP A 303 -6.40 26.75 6.46
N ILE A 304 -5.46 26.19 5.70
CA ILE A 304 -5.08 24.77 5.80
C ILE A 304 -3.59 24.54 5.98
N THR A 305 -3.23 23.57 6.81
CA THR A 305 -1.84 23.27 7.09
C THR A 305 -1.49 22.01 6.26
N ASN A 306 -0.63 22.15 5.26
CA ASN A 306 -0.22 20.99 4.45
C ASN A 306 0.74 20.05 5.19
N ILE A 307 0.44 18.73 5.14
CA ILE A 307 1.32 17.66 5.55
C ILE A 307 1.90 17.04 4.28
N PRO A 308 3.21 17.21 4.07
CA PRO A 308 3.72 16.93 2.72
C PRO A 308 3.28 15.56 2.19
N ALA A 309 2.85 15.54 0.94
CA ALA A 309 2.17 14.40 0.38
C ALA A 309 2.98 13.11 0.35
N ASN A 310 4.29 13.21 0.21
CA ASN A 310 5.19 12.07 0.20
C ASN A 310 5.28 11.35 1.55
N ILE A 311 4.84 11.99 2.63
CA ILE A 311 4.87 11.36 3.94
C ILE A 311 3.64 10.44 4.09
N SER A 312 3.88 9.14 4.13
CA SER A 312 2.77 8.18 4.28
C SER A 312 1.98 8.43 5.56
N PHE A 313 0.67 8.39 5.44
CA PHE A 313 -0.21 8.72 6.56
C PHE A 313 0.10 7.91 7.81
N GLU A 314 0.46 6.64 7.63
CA GLU A 314 0.60 5.76 8.76
C GLU A 314 1.78 6.15 9.64
N ILE A 315 2.73 6.90 9.10
CA ILE A 315 3.82 7.43 9.89
C ILE A 315 3.25 8.27 11.05
N LEU A 316 2.11 8.92 10.82
CA LEU A 316 1.43 9.65 11.90
C LEU A 316 1.00 8.77 13.04
N MET A 317 0.44 7.62 12.72
CA MET A 317 0.11 6.66 13.77
C MET A 317 1.31 6.07 14.55
N MET A 318 2.41 5.77 13.84
CA MET A 318 3.59 5.20 14.49
C MET A 318 4.21 6.20 15.46
N THR A 319 4.31 7.45 15.02
CA THR A 319 4.89 8.50 15.82
C THR A 319 3.95 9.11 16.86
N GLY A 320 2.70 8.65 16.96
CA GLY A 320 1.77 9.16 17.97
C GLY A 320 1.30 10.58 17.74
N LEU A 321 1.21 10.97 16.46
CA LEU A 321 0.68 12.25 16.05
C LEU A 321 -0.68 12.13 15.30
N LEU A 322 -1.54 11.15 15.59
CA LEU A 322 -2.81 11.02 14.81
C LEU A 322 -3.72 12.14 15.28
N PRO A 323 -4.52 12.69 14.35
CA PRO A 323 -5.45 13.69 14.76
C PRO A 323 -6.68 13.19 15.43
N ASP A 324 -7.55 14.12 15.73
CA ASP A 324 -8.81 13.81 16.38
C ASP A 324 -9.80 13.26 15.38
N LYS A 325 -9.80 13.84 14.20
CA LYS A 325 -10.69 13.40 13.12
C LYS A 325 -9.98 13.36 11.74
N VAL A 326 -10.44 12.45 10.89
CA VAL A 326 -9.90 12.30 9.57
C VAL A 326 -11.05 12.09 8.59
N GLY A 327 -11.02 12.72 7.44
CA GLY A 327 -12.03 12.46 6.45
C GLY A 327 -11.54 12.73 5.05
N GLY A 328 -12.24 12.19 4.06
CA GLY A 328 -11.82 12.27 2.65
C GLY A 328 -12.16 11.04 1.84
N VAL A 329 -11.48 10.87 0.73
CA VAL A 329 -11.73 9.77 -0.16
C VAL A 329 -11.16 8.48 0.36
N ALA A 330 -12.02 7.44 0.27
CA ALA A 330 -11.61 6.07 0.56
C ALA A 330 -10.17 5.76 0.18
N SER A 331 -9.43 5.23 1.13
CA SER A 331 -8.04 4.98 1.01
C SER A 331 -7.61 3.89 1.97
N SER A 332 -6.58 3.14 1.60
CA SER A 332 -5.87 2.24 2.50
C SER A 332 -5.58 2.84 3.87
N LEU A 333 -5.35 4.14 3.93
CA LEU A 333 -5.03 4.79 5.23
C LEU A 333 -6.11 4.58 6.28
N TYR A 334 -7.37 4.48 5.87
CA TYR A 334 -8.45 4.37 6.83
C TYR A 334 -8.45 3.03 7.53
N PHE A 335 -7.77 2.04 6.96
CA PHE A 335 -7.75 0.75 7.57
C PHE A 335 -6.88 0.76 8.81
N SER A 336 -6.05 1.81 8.95
N SER A 336 -6.04 1.76 9.01
CA SER A 336 -5.15 2.02 10.09
CA SER A 336 -5.24 1.79 10.22
C SER A 336 -5.81 2.75 11.25
C SER A 336 -5.77 2.82 11.22
N LEU A 337 -7.01 3.27 11.05
CA LEU A 337 -7.62 4.24 12.00
C LEU A 337 -8.60 3.66 12.92
N PRO A 338 -8.50 4.02 14.22
CA PRO A 338 -9.61 3.70 15.08
C PRO A 338 -10.85 4.46 14.66
N LYS A 339 -11.97 3.78 14.85
CA LYS A 339 -13.24 4.22 14.34
C LYS A 339 -13.65 5.63 14.76
N GLU A 340 -13.30 6.03 15.99
CA GLU A 340 -13.85 7.26 16.52
C GLU A 340 -13.14 8.40 15.82
N LYS A 341 -12.04 8.09 15.15
CA LYS A 341 -11.29 9.15 14.50
C LYS A 341 -11.81 9.40 13.09
N ILE A 342 -12.76 8.60 12.61
CA ILE A 342 -13.25 8.79 11.23
C ILE A 342 -14.43 9.71 11.17
N SER A 343 -14.28 10.77 10.41
CA SER A 343 -15.34 11.72 10.17
C SER A 343 -16.32 11.22 9.08
N HIS A 344 -15.86 11.12 7.85
CA HIS A 344 -16.60 10.46 6.79
C HIS A 344 -15.62 9.93 5.75
N ILE A 345 -15.94 8.75 5.22
CA ILE A 345 -15.19 8.19 4.12
C ILE A 345 -16.07 8.37 2.90
N ILE A 346 -15.50 8.94 1.85
CA ILE A 346 -16.24 9.22 0.65
C ILE A 346 -15.74 8.40 -0.53
N PHE A 347 -16.66 7.92 -1.37
CA PHE A 347 -16.32 6.98 -2.46
C PHE A 347 -16.37 7.65 -3.81
N THR A 348 -15.74 7.01 -4.76
CA THR A 348 -15.78 7.41 -6.16
C THR A 348 -16.11 6.17 -7.01
N SER A 349 -16.58 6.40 -8.23
CA SER A 349 -16.94 5.30 -9.14
C SER A 349 -16.98 5.86 -10.55
N ASN A 350 -16.64 5.05 -11.55
CA ASN A 350 -16.75 5.49 -12.92
C ASN A 350 -18.20 5.44 -13.39
N LYS A 351 -18.91 4.38 -12.99
CA LYS A 351 -20.37 4.34 -13.19
C LYS A 351 -20.94 5.46 -12.39
N LYS A 352 -21.92 6.14 -12.94
CA LYS A 352 -22.75 7.05 -12.16
C LYS A 352 -23.44 6.20 -11.08
N ILE A 353 -23.27 6.58 -9.82
CA ILE A 353 -23.99 5.87 -8.75
C ILE A 353 -25.22 6.70 -8.47
N LYS A 354 -26.40 6.11 -8.71
CA LYS A 354 -27.65 6.87 -8.68
C LYS A 354 -28.44 6.72 -7.39
N ASN A 355 -28.20 5.62 -6.67
CA ASN A 355 -29.05 5.22 -5.52
C ASN A 355 -28.32 4.26 -4.59
N LYS A 356 -29.00 3.78 -3.54
CA LYS A 356 -28.34 2.85 -2.60
C LYS A 356 -27.98 1.49 -3.20
N GLU A 357 -28.82 0.94 -4.05
CA GLU A 357 -28.50 -0.40 -4.56
C GLU A 357 -27.26 -0.36 -5.49
N ASP A 358 -27.12 0.71 -6.27
CA ASP A 358 -25.90 0.91 -7.11
C ASP A 358 -24.70 0.88 -6.14
N ALA A 359 -24.87 1.59 -5.03
CA ALA A 359 -23.79 1.78 -4.06
C ALA A 359 -23.31 0.45 -3.50
N LEU A 360 -24.25 -0.42 -3.13
CA LEU A 360 -23.93 -1.66 -2.51
C LEU A 360 -23.18 -2.65 -3.44
N ASN A 361 -23.24 -2.45 -4.74
CA ASN A 361 -22.48 -3.27 -5.69
C ASN A 361 -21.03 -2.81 -5.87
N ASP A 362 -20.68 -1.61 -5.39
CA ASP A 362 -19.32 -1.12 -5.55
C ASP A 362 -18.43 -1.98 -4.65
N PRO A 363 -17.37 -2.59 -5.21
CA PRO A 363 -16.58 -3.51 -4.38
C PRO A 363 -15.81 -2.85 -3.26
N TYR A 364 -15.43 -1.60 -3.40
CA TYR A 364 -14.79 -0.90 -2.33
C TYR A 364 -15.74 -0.66 -1.18
N VAL A 365 -16.94 -0.20 -1.50
CA VAL A 365 -18.05 -0.12 -0.54
C VAL A 365 -18.26 -1.46 0.17
N ARG A 366 -18.37 -2.54 -0.63
CA ARG A 366 -18.53 -3.87 -0.01
C ARG A 366 -17.41 -4.21 0.98
N VAL A 367 -16.15 -3.97 0.65
CA VAL A 367 -15.08 -4.22 1.61
C VAL A 367 -15.31 -3.48 2.95
N MET A 368 -15.52 -2.19 2.85
CA MET A 368 -15.73 -1.38 4.03
C MET A 368 -16.98 -1.76 4.84
N LEU A 369 -18.07 -2.12 4.15
CA LEU A 369 -19.22 -2.71 4.84
C LEU A 369 -18.88 -4.01 5.54
N ARG A 370 -18.16 -4.90 4.87
CA ARG A 370 -17.81 -6.21 5.42
C ARG A 370 -17.03 -6.04 6.69
N LEU A 371 -16.16 -5.04 6.72
CA LEU A 371 -15.32 -4.77 7.90
C LEU A 371 -16.03 -3.88 8.92
N GLY A 372 -17.25 -3.45 8.60
CA GLY A 372 -17.98 -2.53 9.45
C GLY A 372 -17.32 -1.17 9.61
N MET A 373 -16.58 -0.67 8.61
CA MET A 373 -15.92 0.62 8.72
C MET A 373 -16.85 1.77 8.33
N ILE A 374 -17.94 1.43 7.66
CA ILE A 374 -19.00 2.36 7.28
C ILE A 374 -20.31 1.60 7.54
N ASP A 375 -21.43 2.29 7.59
CA ASP A 375 -22.71 1.56 7.56
C ASP A 375 -23.51 2.04 6.36
N LYS A 376 -24.55 1.32 6.02
CA LYS A 376 -25.19 1.55 4.72
C LYS A 376 -25.99 2.84 4.58
N SER A 377 -26.35 3.43 5.70
CA SER A 377 -27.23 4.59 5.71
C SER A 377 -26.53 5.87 5.29
N GLN A 378 -25.19 5.85 5.34
CA GLN A 378 -24.31 7.02 5.22
C GLN A 378 -23.41 7.05 3.94
N ILE A 379 -23.62 6.15 2.97
CA ILE A 379 -22.67 5.95 1.89
C ILE A 379 -22.74 7.12 0.96
N ILE A 380 -21.62 7.76 0.70
CA ILE A 380 -21.59 8.97 -0.13
C ILE A 380 -20.57 8.81 -1.24
N PHE A 381 -20.99 9.05 -2.47
CA PHE A 381 -20.10 9.18 -3.58
C PHE A 381 -19.96 10.64 -3.88
N TRP A 382 -18.75 11.03 -4.33
CA TRP A 382 -18.41 12.46 -4.27
C TRP A 382 -19.13 13.31 -5.29
N ASP A 383 -19.63 12.69 -6.37
CA ASP A 383 -20.37 13.45 -7.39
C ASP A 383 -21.81 13.74 -6.96
N SER A 384 -22.23 13.24 -5.81
CA SER A 384 -23.55 13.50 -5.34
C SER A 384 -23.57 14.76 -4.51
N LEU A 385 -22.39 15.29 -4.19
CA LEU A 385 -22.31 16.48 -3.37
C LEU A 385 -22.49 17.69 -4.28
N LYS A 386 -23.18 18.71 -3.80
CA LYS A 386 -23.40 19.88 -4.65
C LYS A 386 -22.15 20.71 -4.64
N GLN A 387 -21.94 21.45 -5.74
CA GLN A 387 -20.82 22.41 -5.88
C GLN A 387 -21.10 23.55 -4.97
N LEU A 388 -20.14 23.89 -4.11
CA LEU A 388 -20.47 24.68 -2.94
C LEU A 388 -20.16 26.18 -3.07
O3P C5P B . -5.28 3.24 -1.06
P C5P B . -4.59 4.57 -1.34
O1P C5P B . -3.86 4.60 -2.66
O2P C5P B . -5.40 5.80 -1.09
O5' C5P B . -3.41 4.68 -0.29
C5' C5P B . -2.25 3.86 -0.33
C4' C5P B . -1.29 4.40 0.70
O4' C5P B . -0.82 5.71 0.28
C3' C5P B . -1.89 4.59 2.08
O3' C5P B . -1.88 3.39 2.89
C2' C5P B . -0.91 5.63 2.60
O2' C5P B . 0.33 5.07 3.03
C1' C5P B . -0.67 6.52 1.41
N1 C5P B . -1.59 7.65 1.38
C2 C5P B . -1.22 8.83 2.13
N3 C5P B . -2.02 9.90 2.14
C4 C5P B . -3.20 9.86 1.42
C5 C5P B . -3.57 8.74 0.69
C6 C5P B . -2.73 7.64 0.68
O2 C5P B . -0.16 8.84 2.82
N4 C5P B . -4.06 10.90 1.39
#